data_2WA7
#
_entry.id   2WA7
#
_cell.length_a   46.079
_cell.length_b   69.828
_cell.length_c   87.180
_cell.angle_alpha   90.00
_cell.angle_beta   90.00
_cell.angle_gamma   90.00
#
_symmetry.space_group_name_H-M   'P 21 21 21'
#
loop_
_entity.id
_entity.type
_entity.pdbx_description
1 polymer FILAMIN-B
2 non-polymer 'CACODYLATE ION'
3 non-polymer 'CARBONATE ION'
4 water water
#
_entity_poly.entity_id   1
_entity_poly.type   'polypeptide(L)'
_entity_poly.pdbx_seq_one_letter_code
;GAMAPVTEKDLAEDAPWKKIQQNTFTRWCNEHLKCVNKRIGNLQTDLSDGLRLIALLEVLSQKRMYRKYHQRPTFRQMQL
ENVSVALEFLDRESIKLVSIDSKAIVDGNLKLILGLVWTLILHYSISMPVWEDEGDDDAKKQTPKQRLLGWIQNKIPYLP
ITNFNQNWQDGKALGALVDSCAPGLCPDWESWDPQKPVDNAREAVQQADDWLGVPQVITPEEIIHPDVDEHSVMTYLSQF
PKAKL
;
_entity_poly.pdbx_strand_id   A
#
loop_
_chem_comp.id
_chem_comp.type
_chem_comp.name
_chem_comp.formula
CAC non-polymer 'CACODYLATE ION' 'C2 H6 As O2 -1'
CO3 non-polymer 'CARBONATE ION' 'C O3 -2'
#
# COMPACT_ATOMS: atom_id res chain seq x y z
N ALA A 15 0.05 -16.20 -15.91
CA ALA A 15 -1.09 -15.48 -15.29
C ALA A 15 -0.62 -14.11 -14.79
N PRO A 16 -0.44 -13.15 -15.72
CA PRO A 16 0.11 -11.83 -15.39
C PRO A 16 -0.71 -11.04 -14.36
N TRP A 17 -2.02 -11.28 -14.33
CA TRP A 17 -2.90 -10.71 -13.30
C TRP A 17 -2.44 -11.07 -11.88
N LYS A 18 -1.73 -12.19 -11.74
CA LYS A 18 -1.30 -12.62 -10.42
C LYS A 18 -0.24 -11.72 -9.80
N LYS A 19 0.43 -10.90 -10.60
CA LYS A 19 1.41 -9.96 -10.06
C LYS A 19 0.87 -8.54 -9.80
N ILE A 20 -0.46 -8.35 -9.84
CA ILE A 20 -1.03 -7.06 -9.46
C ILE A 20 -0.58 -6.68 -8.06
N GLN A 21 -0.65 -7.62 -7.12
CA GLN A 21 -0.23 -7.30 -5.76
C GLN A 21 1.26 -6.94 -5.72
N GLN A 22 2.10 -7.68 -6.43
CA GLN A 22 3.54 -7.37 -6.47
C GLN A 22 3.76 -5.95 -7.00
N ASN A 23 3.07 -5.63 -8.09
CA ASN A 23 3.17 -4.33 -8.73
C ASN A 23 2.75 -3.22 -7.77
N THR A 24 1.60 -3.42 -7.12
CA THR A 24 1.03 -2.44 -6.19
C THR A 24 1.91 -2.20 -4.96
N PHE A 25 2.38 -3.30 -4.37
CA PHE A 25 3.28 -3.25 -3.20
C PHE A 25 4.59 -2.53 -3.55
N THR A 26 5.10 -2.80 -4.76
CA THR A 26 6.32 -2.16 -5.20
C THR A 26 6.12 -0.65 -5.33
N ARG A 27 5.01 -0.22 -5.94
CA ARG A 27 4.73 1.21 -6.12
C ARG A 27 4.55 1.95 -4.78
N TRP A 28 3.88 1.31 -3.84
CA TRP A 28 3.74 1.82 -2.47
C TRP A 28 5.09 2.02 -1.79
N CYS A 29 5.94 0.98 -1.80
CA CYS A 29 7.32 1.07 -1.29
C CYS A 29 8.06 2.25 -1.92
N ASN A 30 7.97 2.34 -3.24
CA ASN A 30 8.65 3.42 -3.98
C ASN A 30 8.15 4.81 -3.63
N GLU A 31 6.85 4.93 -3.38
CA GLU A 31 6.30 6.21 -2.92
C GLU A 31 6.97 6.65 -1.62
N HIS A 32 7.27 5.69 -0.76
CA HIS A 32 7.95 6.00 0.49
C HIS A 32 9.47 6.18 0.32
N LEU A 33 10.10 5.30 -0.44
CA LEU A 33 11.56 5.39 -0.68
C LEU A 33 12.01 6.65 -1.45
N LYS A 34 11.10 7.21 -2.26
CA LYS A 34 11.29 8.50 -2.97
C LYS A 34 11.94 9.58 -2.12
N CYS A 35 11.46 9.72 -0.89
CA CYS A 35 11.88 10.77 0.05
CA CYS A 35 11.91 10.82 -0.04
C CYS A 35 13.34 10.64 0.48
N VAL A 36 13.92 9.45 0.30
CA VAL A 36 15.35 9.23 0.61
C VAL A 36 16.17 8.83 -0.62
N ASN A 37 15.65 9.19 -1.79
CA ASN A 37 16.34 9.04 -3.08
C ASN A 37 16.68 7.59 -3.44
N LYS A 38 15.78 6.68 -3.08
CA LYS A 38 15.91 5.26 -3.40
C LYS A 38 14.67 4.77 -4.13
N ARG A 39 14.82 3.60 -4.73
CA ARG A 39 13.76 2.97 -5.52
C ARG A 39 14.05 1.47 -5.74
N ILE A 40 12.96 0.72 -5.79
CA ILE A 40 12.95 -0.71 -6.05
C ILE A 40 12.50 -0.94 -7.50
N GLY A 41 13.35 -1.59 -8.28
CA GLY A 41 12.98 -2.04 -9.62
C GLY A 41 12.33 -3.43 -9.59
N ASN A 42 12.78 -4.28 -8.67
CA ASN A 42 12.27 -5.65 -8.54
C ASN A 42 12.24 -6.05 -7.07
N LEU A 43 11.03 -6.24 -6.55
CA LEU A 43 10.82 -6.58 -5.14
C LEU A 43 11.49 -7.91 -4.73
N GLN A 44 11.62 -8.83 -5.68
CA GLN A 44 12.19 -10.14 -5.38
C GLN A 44 13.69 -10.07 -5.05
N THR A 45 14.40 -9.11 -5.64
CA THR A 45 15.84 -8.92 -5.49
C THR A 45 16.31 -7.68 -4.73
N ASP A 46 15.54 -6.59 -4.78
CA ASP A 46 16.06 -5.28 -4.35
C ASP A 46 15.95 -4.99 -2.84
N LEU A 47 15.40 -5.93 -2.08
CA LEU A 47 15.43 -5.84 -0.61
C LEU A 47 16.45 -6.82 0.00
N SER A 48 17.05 -7.67 -0.85
CA SER A 48 17.80 -8.82 -0.37
C SER A 48 19.13 -8.48 0.33
N ASP A 49 19.72 -7.32 0.04
CA ASP A 49 20.90 -6.90 0.81
C ASP A 49 20.53 -6.13 2.08
N GLY A 50 19.22 -5.90 2.33
CA GLY A 50 18.77 -5.24 3.54
C GLY A 50 18.71 -3.70 3.53
N LEU A 51 19.44 -3.05 2.64
CA LEU A 51 19.62 -1.61 2.72
C LEU A 51 18.33 -0.83 2.40
N ARG A 52 17.64 -1.24 1.35
CA ARG A 52 16.36 -0.62 0.95
C ARG A 52 15.25 -0.94 1.97
N LEU A 53 15.30 -2.13 2.55
CA LEU A 53 14.36 -2.49 3.59
C LEU A 53 14.55 -1.58 4.81
N ILE A 54 15.80 -1.45 5.25
CA ILE A 54 16.14 -0.57 6.38
C ILE A 54 15.72 0.88 6.09
N ALA A 55 16.05 1.39 4.90
CA ALA A 55 15.62 2.73 4.48
C ALA A 55 14.10 2.89 4.55
N LEU A 56 13.38 1.88 4.08
CA LEU A 56 11.92 1.92 4.06
C LEU A 56 11.35 2.01 5.48
N LEU A 57 11.89 1.21 6.39
CA LEU A 57 11.50 1.22 7.79
C LEU A 57 11.79 2.56 8.47
N GLU A 58 12.94 3.16 8.18
CA GLU A 58 13.29 4.46 8.73
C GLU A 58 12.29 5.55 8.27
N VAL A 59 11.95 5.56 6.99
CA VAL A 59 10.97 6.51 6.45
C VAL A 59 9.61 6.28 7.11
N LEU A 60 9.14 5.03 7.12
CA LEU A 60 7.84 4.69 7.67
C LEU A 60 7.71 5.07 9.16
N SER A 61 8.75 4.79 9.93
CA SER A 61 8.70 4.97 11.38
C SER A 61 9.16 6.34 11.86
N GLN A 62 9.85 7.07 10.97
CA GLN A 62 10.57 8.29 11.32
CA GLN A 62 10.52 8.32 11.34
C GLN A 62 11.51 8.08 12.50
N LYS A 63 12.12 6.90 12.52
CA LYS A 63 13.14 6.50 13.50
C LYS A 63 14.31 5.91 12.71
N ARG A 64 15.52 6.01 13.26
CA ARG A 64 16.69 5.39 12.65
C ARG A 64 16.88 3.99 13.25
N MET A 65 17.57 3.12 12.52
CA MET A 65 17.96 1.82 13.09
C MET A 65 18.78 2.10 14.34
N TYR A 66 18.53 1.33 15.39
CA TYR A 66 19.29 1.49 16.63
C TYR A 66 20.60 0.69 16.58
N ARG A 67 20.57 -0.48 15.93
CA ARG A 67 21.78 -1.29 15.74
C ARG A 67 22.57 -0.84 14.53
N LYS A 68 23.88 -1.01 14.60
CA LYS A 68 24.77 -0.82 13.45
C LYS A 68 24.45 -1.88 12.40
N TYR A 69 24.72 -1.57 11.14
CA TYR A 69 24.56 -2.53 10.06
C TYR A 69 25.63 -2.29 8.99
N HIS A 70 25.67 -3.16 7.99
CA HIS A 70 26.72 -3.13 6.98
C HIS A 70 26.30 -2.27 5.80
N GLN A 71 27.02 -1.17 5.61
CA GLN A 71 26.68 -0.20 4.58
C GLN A 71 27.09 -0.66 3.19
N ARG A 72 28.08 -1.55 3.11
CA ARG A 72 28.48 -2.19 1.85
CA ARG A 72 28.46 -2.18 1.85
C ARG A 72 28.38 -3.70 2.03
N PRO A 73 27.14 -4.24 2.04
CA PRO A 73 26.92 -5.68 2.32
C PRO A 73 27.15 -6.57 1.09
N THR A 74 28.40 -6.69 0.66
CA THR A 74 28.75 -7.46 -0.52
C THR A 74 28.72 -8.98 -0.28
N PHE A 75 28.80 -9.38 0.99
CA PHE A 75 28.86 -10.78 1.35
C PHE A 75 27.55 -11.24 1.96
N ARG A 76 27.21 -12.50 1.73
CA ARG A 76 25.94 -13.07 2.19
C ARG A 76 25.68 -12.85 3.69
N GLN A 77 26.68 -13.05 4.54
CA GLN A 77 26.46 -12.91 5.98
C GLN A 77 26.10 -11.48 6.41
N MET A 78 26.65 -10.50 5.70
CA MET A 78 26.33 -9.07 5.95
C MET A 78 24.89 -8.75 5.56
N GLN A 79 24.45 -9.32 4.45
CA GLN A 79 23.07 -9.18 3.97
C GLN A 79 22.06 -9.79 4.95
N LEU A 80 22.34 -11.01 5.40
CA LEU A 80 21.55 -11.68 6.45
C LEU A 80 21.48 -10.81 7.70
N GLU A 81 22.62 -10.29 8.15
CA GLU A 81 22.67 -9.42 9.32
C GLU A 81 21.83 -8.12 9.14
N ASN A 82 21.93 -7.51 7.97
CA ASN A 82 21.14 -6.29 7.66
C ASN A 82 19.64 -6.52 7.79
N VAL A 83 19.16 -7.60 7.18
CA VAL A 83 17.75 -8.00 7.25
C VAL A 83 17.34 -8.33 8.70
N SER A 84 18.25 -8.95 9.46
CA SER A 84 17.99 -9.26 10.88
C SER A 84 17.79 -7.97 11.70
N VAL A 85 18.64 -6.99 11.50
CA VAL A 85 18.48 -5.68 12.14
C VAL A 85 17.10 -5.10 11.83
N ALA A 86 16.65 -5.24 10.59
CA ALA A 86 15.35 -4.73 10.16
C ALA A 86 14.19 -5.47 10.88
N LEU A 87 14.26 -6.80 10.88
CA LEU A 87 13.24 -7.62 11.54
C LEU A 87 13.20 -7.40 13.05
N GLU A 88 14.37 -7.23 13.68
CA GLU A 88 14.45 -6.85 15.09
C GLU A 88 13.80 -5.51 15.38
N PHE A 89 14.07 -4.55 14.51
CA PHE A 89 13.47 -3.23 14.60
C PHE A 89 11.96 -3.37 14.65
N LEU A 90 11.41 -4.20 13.75
CA LEU A 90 9.96 -4.45 13.68
C LEU A 90 9.42 -5.12 14.94
N ASP A 91 10.11 -6.13 15.45
CA ASP A 91 9.70 -6.76 16.71
C ASP A 91 9.71 -5.74 17.85
N ARG A 92 10.73 -4.88 17.86
CA ARG A 92 10.84 -3.84 18.88
C ARG A 92 9.74 -2.77 18.81
N GLU A 93 9.16 -2.59 17.63
CA GLU A 93 8.04 -1.65 17.44
C GLU A 93 6.68 -2.35 17.57
N SER A 94 6.66 -3.55 18.14
CA SER A 94 5.44 -4.31 18.34
C SER A 94 4.65 -4.54 17.05
N ILE A 95 5.35 -4.65 15.92
CA ILE A 95 4.72 -4.98 14.65
C ILE A 95 4.76 -6.50 14.52
N LYS A 96 3.58 -7.11 14.51
CA LYS A 96 3.42 -8.57 14.44
C LYS A 96 3.81 -9.09 13.06
N LEU A 97 4.83 -9.94 13.00
CA LEU A 97 5.28 -10.53 11.74
C LEU A 97 4.84 -11.98 11.61
N VAL A 98 4.32 -12.31 10.42
CA VAL A 98 4.09 -13.71 10.05
C VAL A 98 5.45 -14.38 9.80
N SER A 99 5.54 -15.68 10.13
CA SER A 99 6.81 -16.40 10.14
C SER A 99 7.72 -16.00 8.98
N ILE A 100 8.81 -15.32 9.32
CA ILE A 100 9.79 -14.91 8.34
C ILE A 100 11.16 -14.75 9.00
N ASP A 101 12.18 -15.21 8.29
CA ASP A 101 13.56 -15.10 8.75
C ASP A 101 14.34 -14.35 7.69
N SER A 102 15.56 -13.95 8.04
CA SER A 102 16.37 -13.14 7.14
C SER A 102 16.69 -13.85 5.83
N LYS A 103 16.91 -15.18 5.86
CA LYS A 103 17.27 -15.89 4.62
C LYS A 103 16.16 -15.86 3.58
N ALA A 104 14.90 -15.82 4.02
CA ALA A 104 13.76 -15.71 3.11
C ALA A 104 13.85 -14.42 2.29
N ILE A 105 14.28 -13.34 2.94
CA ILE A 105 14.41 -12.06 2.27
C ILE A 105 15.67 -12.03 1.39
N VAL A 106 16.79 -12.40 1.99
CA VAL A 106 18.07 -12.43 1.28
C VAL A 106 18.02 -13.33 0.03
N ASP A 107 17.31 -14.46 0.12
CA ASP A 107 17.23 -15.41 -1.01
C ASP A 107 16.03 -15.20 -1.93
N GLY A 108 15.27 -14.13 -1.72
CA GLY A 108 14.28 -13.73 -2.70
C GLY A 108 13.03 -14.60 -2.72
N ASN A 109 12.52 -14.92 -1.52
CA ASN A 109 11.30 -15.69 -1.37
C ASN A 109 10.17 -14.71 -1.53
N LEU A 110 9.68 -14.62 -2.76
CA LEU A 110 8.71 -13.60 -3.13
C LEU A 110 7.42 -13.68 -2.30
N LYS A 111 6.91 -14.88 -2.09
CA LYS A 111 5.73 -15.09 -1.23
C LYS A 111 5.90 -14.40 0.12
N LEU A 112 7.04 -14.64 0.77
CA LEU A 112 7.26 -14.11 2.12
C LEU A 112 7.62 -12.63 2.11
N ILE A 113 8.30 -12.17 1.07
CA ILE A 113 8.60 -10.75 0.88
C ILE A 113 7.28 -9.97 0.79
N LEU A 114 6.35 -10.47 -0.02
CA LEU A 114 5.05 -9.80 -0.19
C LEU A 114 4.28 -9.74 1.15
N GLY A 115 4.34 -10.84 1.90
CA GLY A 115 3.82 -10.93 3.27
C GLY A 115 4.41 -9.87 4.19
N LEU A 116 5.73 -9.68 4.15
CA LEU A 116 6.40 -8.66 4.95
C LEU A 116 5.90 -7.26 4.58
N VAL A 117 5.88 -6.97 3.27
CA VAL A 117 5.44 -5.65 2.80
C VAL A 117 3.96 -5.39 3.18
N TRP A 118 3.09 -6.40 3.05
CA TRP A 118 1.71 -6.26 3.52
C TRP A 118 1.60 -5.87 5.00
N THR A 119 2.39 -6.53 5.85
CA THR A 119 2.44 -6.23 7.30
C THR A 119 2.73 -4.74 7.52
N LEU A 120 3.66 -4.20 6.74
CA LEU A 120 4.06 -2.80 6.83
C LEU A 120 2.94 -1.88 6.35
N ILE A 121 2.28 -2.25 5.25
CA ILE A 121 1.14 -1.45 4.72
C ILE A 121 -0.01 -1.42 5.73
N LEU A 122 -0.40 -2.59 6.21
CA LEU A 122 -1.46 -2.73 7.19
C LEU A 122 -1.14 -1.95 8.45
N HIS A 123 0.10 -2.05 8.93
CA HIS A 123 0.51 -1.34 10.13
C HIS A 123 0.60 0.16 9.93
N TYR A 124 1.45 0.61 9.02
CA TYR A 124 1.75 2.04 8.91
C TYR A 124 0.72 2.86 8.13
N SER A 125 0.02 2.24 7.19
CA SER A 125 -0.96 2.98 6.37
C SER A 125 -2.41 2.80 6.80
N ILE A 126 -2.72 1.73 7.53
CA ILE A 126 -4.11 1.47 7.91
C ILE A 126 -4.32 1.50 9.42
N SER A 127 -3.52 0.75 10.18
CA SER A 127 -3.72 0.68 11.63
C SER A 127 -3.33 1.93 12.41
N MET A 128 -2.12 2.40 12.19
CA MET A 128 -1.53 3.43 13.05
CA MET A 128 -1.49 3.44 13.03
C MET A 128 -1.95 4.86 12.74
N PRO A 129 -2.19 5.21 11.47
CA PRO A 129 -2.37 6.65 11.22
C PRO A 129 -3.56 7.30 11.91
N VAL A 130 -3.48 8.62 12.10
CA VAL A 130 -4.58 9.40 12.64
C VAL A 130 -5.41 9.90 11.48
N TRP A 131 -6.71 9.54 11.47
CA TRP A 131 -7.62 9.93 10.40
C TRP A 131 -8.68 10.89 10.90
N GLU A 132 -9.07 11.80 10.02
CA GLU A 132 -10.25 12.63 10.24
C GLU A 132 -11.48 11.78 9.93
N ASP A 133 -12.66 12.25 10.33
CA ASP A 133 -13.90 11.53 10.04
C ASP A 133 -13.92 10.18 10.78
N GLU A 134 -13.90 10.24 12.11
CA GLU A 134 -13.92 9.05 12.95
C GLU A 134 -14.56 9.32 14.31
N GLY A 135 -15.72 8.69 14.54
CA GLY A 135 -16.44 8.81 15.82
C GLY A 135 -17.32 7.62 16.10
N LYS A 140 -15.47 1.09 17.30
CA LYS A 140 -14.14 1.68 17.19
C LYS A 140 -13.02 0.77 17.75
N LYS A 141 -13.40 -0.37 18.33
CA LYS A 141 -12.45 -1.44 18.63
C LYS A 141 -12.58 -2.51 17.54
N GLN A 142 -11.75 -2.37 16.51
CA GLN A 142 -11.98 -3.05 15.23
C GLN A 142 -10.69 -3.38 14.52
N THR A 143 -10.77 -4.29 13.55
CA THR A 143 -9.62 -4.61 12.71
C THR A 143 -9.31 -3.44 11.77
N PRO A 144 -8.07 -3.36 11.28
CA PRO A 144 -7.68 -2.36 10.26
C PRO A 144 -8.58 -2.36 9.02
N LYS A 145 -8.96 -3.54 8.55
CA LYS A 145 -9.84 -3.67 7.39
C LYS A 145 -11.22 -3.06 7.70
N GLN A 146 -11.75 -3.36 8.88
CA GLN A 146 -13.01 -2.77 9.33
C GLN A 146 -12.90 -1.25 9.41
N ARG A 147 -11.78 -0.77 9.95
CA ARG A 147 -11.56 0.65 10.09
C ARG A 147 -11.56 1.35 8.74
N LEU A 148 -10.88 0.76 7.76
CA LEU A 148 -10.80 1.32 6.42
C LEU A 148 -12.17 1.30 5.74
N LEU A 149 -12.84 0.14 5.80
CA LEU A 149 -14.21 0.03 5.29
C LEU A 149 -15.12 1.10 5.88
N GLY A 150 -15.03 1.27 7.19
CA GLY A 150 -15.87 2.22 7.91
C GLY A 150 -15.68 3.65 7.44
N TRP A 151 -14.42 4.06 7.31
CA TRP A 151 -14.08 5.39 6.85
C TRP A 151 -14.61 5.63 5.41
N ILE A 152 -14.39 4.66 4.53
CA ILE A 152 -14.83 4.77 3.13
C ILE A 152 -16.37 4.82 3.06
N GLN A 153 -17.05 3.95 3.81
CA GLN A 153 -18.51 3.89 3.82
C GLN A 153 -19.14 5.23 4.24
N ASN A 154 -18.54 5.88 5.25
CA ASN A 154 -18.97 7.20 5.71
C ASN A 154 -18.86 8.27 4.61
N LYS A 155 -17.84 8.16 3.77
CA LYS A 155 -17.61 9.09 2.64
C LYS A 155 -18.62 8.93 1.50
N ILE A 156 -19.04 7.69 1.26
CA ILE A 156 -20.00 7.35 0.20
C ILE A 156 -21.18 6.49 0.78
N PRO A 157 -22.06 7.14 1.55
CA PRO A 157 -23.12 6.48 2.31
C PRO A 157 -24.26 5.91 1.47
N TYR A 158 -24.31 6.23 0.18
CA TYR A 158 -25.38 5.75 -0.71
C TYR A 158 -25.00 4.50 -1.52
N LEU A 159 -23.79 3.98 -1.29
CA LEU A 159 -23.34 2.73 -1.88
C LEU A 159 -22.92 1.80 -0.76
N PRO A 160 -23.35 0.53 -0.83
CA PRO A 160 -22.96 -0.41 0.19
C PRO A 160 -21.51 -0.88 -0.04
N ILE A 161 -20.61 -0.45 0.83
CA ILE A 161 -19.18 -0.76 0.71
C ILE A 161 -18.79 -1.78 1.78
N THR A 162 -18.68 -3.04 1.35
CA THR A 162 -18.44 -4.16 2.25
C THR A 162 -17.20 -4.97 1.86
N ASN A 163 -16.57 -4.62 0.74
CA ASN A 163 -15.37 -5.35 0.30
C ASN A 163 -14.44 -4.45 -0.48
N PHE A 164 -13.28 -4.99 -0.80
CA PHE A 164 -12.25 -4.29 -1.54
C PHE A 164 -11.95 -5.00 -2.85
N ASN A 165 -12.97 -5.63 -3.44
CA ASN A 165 -12.84 -6.19 -4.79
C ASN A 165 -14.05 -5.85 -5.68
N GLN A 166 -15.10 -6.64 -5.58
CA GLN A 166 -16.26 -6.50 -6.45
C GLN A 166 -16.94 -5.12 -6.36
N ASN A 167 -16.98 -4.52 -5.16
CA ASN A 167 -17.58 -3.18 -5.01
C ASN A 167 -16.91 -2.11 -5.90
N TRP A 168 -15.68 -2.36 -6.33
CA TRP A 168 -14.85 -1.37 -7.04
C TRP A 168 -14.77 -1.65 -8.54
N GLN A 169 -15.33 -2.77 -8.98
CA GLN A 169 -15.19 -3.30 -10.33
C GLN A 169 -15.72 -2.43 -11.47
N ASP A 170 -16.84 -1.74 -11.27
CA ASP A 170 -17.43 -0.92 -12.35
C ASP A 170 -16.88 0.50 -12.42
N GLY A 171 -15.97 0.84 -11.50
CA GLY A 171 -15.31 2.16 -11.49
C GLY A 171 -16.08 3.31 -10.87
N LYS A 172 -17.36 3.09 -10.57
CA LYS A 172 -18.22 4.17 -10.13
C LYS A 172 -18.01 4.55 -8.67
N ALA A 173 -17.76 3.56 -7.81
CA ALA A 173 -17.47 3.84 -6.40
C ALA A 173 -16.21 4.69 -6.25
N LEU A 174 -15.20 4.45 -7.10
CA LEU A 174 -14.05 5.37 -7.19
C LEU A 174 -14.46 6.82 -7.50
N GLY A 175 -15.33 7.02 -8.49
CA GLY A 175 -15.88 8.36 -8.80
C GLY A 175 -16.56 8.97 -7.60
N ALA A 176 -17.43 8.19 -6.97
CA ALA A 176 -18.20 8.64 -5.80
C ALA A 176 -17.27 9.09 -4.68
N LEU A 177 -16.22 8.31 -4.43
CA LEU A 177 -15.25 8.58 -3.35
C LEU A 177 -14.46 9.86 -3.66
N VAL A 178 -13.92 9.93 -4.86
CA VAL A 178 -13.17 11.13 -5.29
C VAL A 178 -14.01 12.41 -5.21
N ASP A 179 -15.24 12.41 -5.72
CA ASP A 179 -16.12 13.56 -5.61
C ASP A 179 -16.48 13.87 -4.15
N SER A 180 -16.68 12.85 -3.32
CA SER A 180 -16.99 13.10 -1.90
C SER A 180 -15.84 13.85 -1.23
N CYS A 181 -14.60 13.53 -1.61
CA CYS A 181 -13.43 14.20 -1.08
C CYS A 181 -13.32 15.65 -1.51
N ALA A 182 -13.70 15.94 -2.76
CA ALA A 182 -13.70 17.31 -3.27
C ALA A 182 -14.80 17.47 -4.33
N PRO A 183 -16.04 17.77 -3.90
CA PRO A 183 -17.18 17.92 -4.80
C PRO A 183 -16.87 18.79 -6.02
N GLY A 184 -17.12 18.23 -7.21
CA GLY A 184 -16.74 18.86 -8.47
C GLY A 184 -15.68 18.10 -9.26
N LEU A 185 -14.94 17.19 -8.61
CA LEU A 185 -13.93 16.40 -9.32
C LEU A 185 -14.56 15.35 -10.24
N CYS A 186 -15.60 14.68 -9.74
CA CYS A 186 -16.31 13.61 -10.46
C CYS A 186 -17.80 13.76 -10.20
N PRO A 187 -18.36 14.93 -10.58
CA PRO A 187 -19.70 15.30 -10.16
C PRO A 187 -20.80 14.43 -10.75
N ASP A 188 -20.55 13.91 -11.96
CA ASP A 188 -21.52 13.09 -12.68
C ASP A 188 -21.30 11.58 -12.52
N TRP A 189 -20.63 11.15 -11.46
CA TRP A 189 -20.27 9.73 -11.25
C TRP A 189 -21.46 8.79 -11.28
N GLU A 190 -22.59 9.22 -10.71
CA GLU A 190 -23.77 8.36 -10.61
C GLU A 190 -24.33 8.03 -11.99
N SER A 191 -24.02 8.87 -12.98
CA SER A 191 -24.49 8.71 -14.35
CA SER A 191 -24.50 8.71 -14.34
C SER A 191 -23.49 7.98 -15.25
N TRP A 192 -22.31 7.67 -14.72
CA TRP A 192 -21.29 6.95 -15.49
C TRP A 192 -21.81 5.57 -15.93
N ASP A 193 -21.40 5.15 -17.12
CA ASP A 193 -21.77 3.84 -17.63
C ASP A 193 -20.98 2.74 -16.91
N PRO A 194 -21.68 1.86 -16.15
CA PRO A 194 -20.96 0.77 -15.48
C PRO A 194 -20.29 -0.22 -16.44
N GLN A 195 -20.69 -0.20 -17.71
CA GLN A 195 -20.06 -1.02 -18.75
C GLN A 195 -18.80 -0.39 -19.35
N LYS A 196 -18.36 0.74 -18.79
CA LYS A 196 -17.07 1.33 -19.14
C LYS A 196 -16.18 1.46 -17.90
N PRO A 197 -15.86 0.32 -17.25
CA PRO A 197 -15.13 0.35 -15.98
C PRO A 197 -13.73 0.98 -16.05
N VAL A 198 -12.96 0.69 -17.10
CA VAL A 198 -11.59 1.23 -17.19
C VAL A 198 -11.58 2.75 -17.37
N ASP A 199 -12.51 3.25 -18.18
CA ASP A 199 -12.66 4.70 -18.38
C ASP A 199 -13.08 5.40 -17.09
N ASN A 200 -14.03 4.79 -16.39
CA ASN A 200 -14.50 5.28 -15.10
C ASN A 200 -13.37 5.36 -14.09
N ALA A 201 -12.64 4.24 -13.94
CA ALA A 201 -11.53 4.13 -13.01
C ALA A 201 -10.41 5.14 -13.33
N ARG A 202 -10.03 5.19 -14.60
CA ARG A 202 -8.99 6.09 -15.06
C ARG A 202 -9.34 7.55 -14.75
N GLU A 203 -10.59 7.94 -14.95
CA GLU A 203 -11.02 9.31 -14.64
C GLU A 203 -10.92 9.58 -13.13
N ALA A 204 -11.49 8.69 -12.31
CA ALA A 204 -11.46 8.87 -10.86
C ALA A 204 -10.03 8.92 -10.33
N VAL A 205 -9.22 7.92 -10.73
CA VAL A 205 -7.88 7.77 -10.23
C VAL A 205 -6.98 8.95 -10.68
N GLN A 206 -7.11 9.41 -11.92
CA GLN A 206 -6.34 10.58 -12.37
C GLN A 206 -6.74 11.86 -11.63
N GLN A 207 -8.04 12.07 -11.44
CA GLN A 207 -8.51 13.21 -10.63
C GLN A 207 -7.95 13.17 -9.20
N ALA A 208 -7.95 11.99 -8.58
CA ALA A 208 -7.36 11.81 -7.26
C ALA A 208 -5.86 12.11 -7.25
N ASP A 209 -5.16 11.66 -8.29
CA ASP A 209 -3.73 11.89 -8.47
C ASP A 209 -3.45 13.38 -8.69
N ASP A 210 -4.19 14.01 -9.60
CA ASP A 210 -4.01 15.43 -9.97
C ASP A 210 -4.42 16.45 -8.90
N TRP A 211 -5.45 16.14 -8.11
CA TRP A 211 -6.02 17.12 -7.17
C TRP A 211 -6.11 16.68 -5.70
N LEU A 212 -6.03 15.39 -5.40
CA LEU A 212 -6.11 14.94 -4.00
C LEU A 212 -4.76 14.49 -3.44
N GLY A 213 -3.71 14.56 -4.25
CA GLY A 213 -2.40 14.02 -3.85
C GLY A 213 -2.33 12.52 -3.60
N VAL A 214 -3.20 11.76 -4.25
CA VAL A 214 -3.25 10.31 -4.12
C VAL A 214 -2.51 9.63 -5.29
N PRO A 215 -1.30 9.09 -5.03
CA PRO A 215 -0.55 8.42 -6.11
C PRO A 215 -1.23 7.16 -6.65
N GLN A 216 -1.00 6.86 -7.92
CA GLN A 216 -1.54 5.66 -8.56
C GLN A 216 -0.69 4.41 -8.25
N VAL A 217 -0.68 4.00 -6.99
CA VAL A 217 0.05 2.78 -6.59
C VAL A 217 -0.61 1.52 -7.15
N ILE A 218 -1.91 1.59 -7.47
CA ILE A 218 -2.54 0.61 -8.35
C ILE A 218 -2.96 1.38 -9.63
N THR A 219 -2.91 0.72 -10.78
CA THR A 219 -3.35 1.35 -12.02
C THR A 219 -4.87 1.18 -12.21
N PRO A 220 -5.49 2.07 -13.00
CA PRO A 220 -6.92 1.91 -13.33
C PRO A 220 -7.25 0.51 -13.86
N GLU A 221 -6.39 -0.01 -14.74
CA GLU A 221 -6.56 -1.35 -15.32
C GLU A 221 -6.51 -2.47 -14.26
N GLU A 222 -5.63 -2.32 -13.29
CA GLU A 222 -5.46 -3.31 -12.23
C GLU A 222 -6.63 -3.33 -11.25
N ILE A 223 -7.05 -2.15 -10.81
CA ILE A 223 -8.09 -2.04 -9.78
C ILE A 223 -9.45 -2.63 -10.20
N ILE A 224 -9.75 -2.60 -11.49
CA ILE A 224 -11.03 -3.14 -11.98
C ILE A 224 -10.91 -4.56 -12.54
N HIS A 225 -9.70 -5.12 -12.49
CA HIS A 225 -9.44 -6.45 -13.00
C HIS A 225 -10.25 -7.47 -12.18
N PRO A 226 -10.91 -8.44 -12.84
CA PRO A 226 -11.70 -9.45 -12.11
C PRO A 226 -10.89 -10.25 -11.08
N ASP A 227 -9.58 -10.34 -11.27
CA ASP A 227 -8.72 -11.09 -10.36
C ASP A 227 -7.99 -10.22 -9.33
N VAL A 228 -8.36 -8.94 -9.25
CA VAL A 228 -7.72 -8.05 -8.29
C VAL A 228 -7.90 -8.59 -6.88
N ASP A 229 -6.84 -8.49 -6.09
CA ASP A 229 -6.84 -8.97 -4.71
C ASP A 229 -7.17 -7.81 -3.80
N GLU A 230 -7.82 -8.14 -2.69
CA GLU A 230 -8.24 -7.09 -1.75
C GLU A 230 -7.05 -6.28 -1.17
N HIS A 231 -5.92 -6.93 -0.91
CA HIS A 231 -4.79 -6.18 -0.35
C HIS A 231 -4.28 -5.06 -1.27
N SER A 232 -4.14 -5.33 -2.55
CA SER A 232 -3.76 -4.30 -3.51
C SER A 232 -4.73 -3.07 -3.44
N VAL A 233 -6.04 -3.33 -3.45
CA VAL A 233 -7.04 -2.26 -3.44
C VAL A 233 -7.01 -1.46 -2.12
N MET A 234 -6.88 -2.17 -1.01
CA MET A 234 -6.70 -1.58 0.31
C MET A 234 -5.47 -0.67 0.38
N THR A 235 -4.40 -1.08 -0.30
CA THR A 235 -3.16 -0.31 -0.36
C THR A 235 -3.38 1.06 -1.03
N TYR A 236 -4.04 1.05 -2.18
CA TYR A 236 -4.45 2.28 -2.85
C TYR A 236 -5.41 3.15 -2.02
N LEU A 237 -6.51 2.55 -1.55
CA LEU A 237 -7.56 3.32 -0.88
C LEU A 237 -7.13 3.86 0.49
N SER A 238 -6.20 3.17 1.15
CA SER A 238 -5.65 3.66 2.42
C SER A 238 -4.95 5.03 2.29
N GLN A 239 -4.63 5.45 1.06
CA GLN A 239 -4.03 6.77 0.80
C GLN A 239 -5.02 7.93 0.98
N PHE A 240 -6.31 7.64 0.82
CA PHE A 240 -7.32 8.68 0.87
C PHE A 240 -7.46 9.35 2.26
N PRO A 241 -7.63 8.54 3.33
CA PRO A 241 -7.74 9.14 4.67
C PRO A 241 -6.43 9.72 5.19
N LYS A 242 -5.29 9.17 4.75
CA LYS A 242 -3.97 9.65 5.14
C LYS A 242 -3.85 11.15 4.93
N ALA A 243 -4.08 11.56 3.69
CA ALA A 243 -3.96 12.95 3.26
C ALA A 243 -4.36 13.06 1.78
AS CAC B . -10.46 12.18 1.04
O1 CAC B . -9.16 12.76 0.02
C1 CAC B . -11.45 13.77 1.65
C2 CAC B . -9.58 11.69 2.71
C CO3 C . 20.39 -4.55 -5.88
O1 CO3 C . 20.42 -4.44 -4.57
O2 CO3 C . 19.43 -5.18 -6.48
O3 CO3 C . 21.35 -4.04 -6.60
C CO3 D . -16.32 8.91 -17.55
O1 CO3 D . -17.51 9.37 -17.81
O2 CO3 D . -16.04 7.66 -17.78
O3 CO3 D . -15.41 9.70 -17.05
C CO3 E . -9.32 12.35 6.01
O1 CO3 E . -9.12 11.52 7.00
O2 CO3 E . -10.52 12.78 5.76
O3 CO3 E . -8.33 12.73 5.27
#